data_5TZ0
#
_entry.id   5TZ0
#
_cell.length_a   114.628
_cell.length_b   77.506
_cell.length_c   31.968
_cell.angle_alpha   90.00
_cell.angle_beta   94.15
_cell.angle_gamma   90.00
#
_symmetry.space_group_name_H-M   'C 1 2 1'
#
_entity_poly.entity_id   1
_entity_poly.type   'polypeptide(L)'
_entity_poly.pdbx_seq_one_letter_code
;MGHHHHHHKVNEVSWSDLEQEVAQAAFQKAYEREINALIQDVRDNAVQISELEDIWRLHNFLSAKRHEIDGKYDYNYSVL
VFVFATLIKQGWLHLDELKGLDQDKLTKIGSLSRM
;
_entity_poly.pdbx_strand_id   A,B
#
# COMPACT_ATOMS: atom_id res chain seq x y z
N SER A 14 -12.47 -28.20 -23.95
CA SER A 14 -12.01 -29.59 -23.82
C SER A 14 -10.52 -29.66 -23.52
N TRP A 15 -10.17 -30.00 -22.29
CA TRP A 15 -8.79 -30.03 -21.84
C TRP A 15 -8.44 -31.42 -21.33
N SER A 16 -7.32 -31.96 -21.83
CA SER A 16 -6.93 -33.33 -21.52
C SER A 16 -6.65 -33.51 -20.04
N ASP A 17 -6.30 -34.73 -19.63
CA ASP A 17 -5.94 -35.02 -18.25
C ASP A 17 -4.55 -34.49 -17.93
N LEU A 18 -3.62 -34.61 -18.89
CA LEU A 18 -2.28 -34.10 -18.74
C LEU A 18 -2.13 -32.67 -19.25
N GLU A 19 -2.99 -32.23 -20.17
CA GLU A 19 -3.06 -30.80 -20.47
C GLU A 19 -3.35 -30.00 -19.22
N GLN A 20 -4.21 -30.54 -18.34
CA GLN A 20 -4.48 -29.88 -17.07
C GLN A 20 -3.23 -29.81 -16.21
N GLU A 21 -2.38 -30.84 -16.25
CA GLU A 21 -1.17 -30.83 -15.45
C GLU A 21 -0.14 -29.84 -16.00
N VAL A 22 0.05 -29.81 -17.32
CA VAL A 22 0.96 -28.84 -17.91
C VAL A 22 0.42 -27.42 -17.77
N ALA A 23 -0.89 -27.27 -17.57
CA ALA A 23 -1.46 -25.95 -17.30
C ALA A 23 -1.11 -25.48 -15.90
N GLN A 24 -1.39 -26.31 -14.89
CA GLN A 24 -1.00 -25.97 -13.52
C GLN A 24 0.48 -25.64 -13.44
N ALA A 25 1.32 -26.42 -14.14
CA ALA A 25 2.76 -26.15 -14.14
C ALA A 25 3.06 -24.75 -14.68
N ALA A 26 2.67 -24.50 -15.93
CA ALA A 26 2.97 -23.21 -16.54
C ALA A 26 2.35 -22.07 -15.75
N PHE A 27 1.17 -22.29 -15.19
CA PHE A 27 0.50 -21.26 -14.39
C PHE A 27 1.35 -20.85 -13.20
N GLN A 28 1.60 -21.80 -12.28
CA GLN A 28 2.27 -21.45 -11.03
C GLN A 28 3.72 -21.03 -11.25
N LYS A 29 4.37 -21.50 -12.31
CA LYS A 29 5.74 -21.08 -12.57
C LYS A 29 5.78 -19.60 -12.95
N ALA A 30 5.02 -19.22 -13.97
CA ALA A 30 4.90 -17.81 -14.31
C ALA A 30 4.44 -17.00 -13.11
N TYR A 31 3.59 -17.58 -12.26
CA TYR A 31 3.17 -16.92 -11.04
C TYR A 31 4.37 -16.66 -10.13
N GLU A 32 5.15 -17.70 -9.86
CA GLU A 32 6.33 -17.54 -9.01
C GLU A 32 7.28 -16.49 -9.55
N ARG A 33 7.53 -16.50 -10.87
CA ARG A 33 8.41 -15.50 -11.46
C ARG A 33 7.91 -14.08 -11.16
N GLU A 34 6.61 -13.86 -11.29
CA GLU A 34 6.09 -12.51 -11.08
C GLU A 34 5.98 -12.16 -9.59
N ILE A 35 5.61 -13.12 -8.75
CA ILE A 35 5.55 -12.87 -7.32
C ILE A 35 6.95 -12.63 -6.76
N ASN A 36 7.88 -13.53 -7.06
CA ASN A 36 9.26 -13.35 -6.60
C ASN A 36 9.78 -11.98 -7.02
N ALA A 37 9.63 -11.64 -8.30
CA ALA A 37 10.06 -10.33 -8.78
C ALA A 37 9.38 -9.21 -8.01
N LEU A 38 8.10 -9.38 -7.71
CA LEU A 38 7.40 -8.36 -6.92
C LEU A 38 7.99 -8.24 -5.52
N ILE A 39 8.27 -9.37 -4.87
CA ILE A 39 8.82 -9.33 -3.52
C ILE A 39 10.12 -8.52 -3.51
N GLN A 40 10.95 -8.65 -4.55
CA GLN A 40 12.18 -7.87 -4.60
C GLN A 40 11.87 -6.38 -4.70
N ASP A 41 10.95 -6.01 -5.58
CA ASP A 41 10.62 -4.59 -5.76
C ASP A 41 10.11 -3.99 -4.46
N VAL A 42 9.12 -4.63 -3.83
CA VAL A 42 8.54 -4.09 -2.60
C VAL A 42 9.58 -4.01 -1.50
N ARG A 43 10.54 -4.93 -1.51
CA ARG A 43 11.65 -4.86 -0.56
C ARG A 43 12.61 -3.74 -0.91
N ASP A 44 13.13 -3.73 -2.14
CA ASP A 44 14.09 -2.72 -2.56
C ASP A 44 13.55 -1.31 -2.41
N ASN A 45 12.24 -1.14 -2.55
CA ASN A 45 11.65 0.20 -2.49
C ASN A 45 11.28 0.61 -1.08
N ALA A 46 10.71 -0.31 -0.30
CA ALA A 46 10.37 0.01 1.09
C ALA A 46 11.59 0.45 1.89
N VAL A 47 12.79 0.10 1.43
CA VAL A 47 14.01 0.51 2.12
C VAL A 47 14.39 1.94 1.75
N GLN A 48 14.41 2.24 0.45
CA GLN A 48 14.89 3.52 -0.04
C GLN A 48 13.89 4.65 0.17
N ILE A 49 12.84 4.44 0.94
CA ILE A 49 11.87 5.50 1.22
C ILE A 49 12.53 6.54 2.11
N SER A 50 12.35 7.82 1.76
CA SER A 50 12.94 8.92 2.51
C SER A 50 11.88 9.91 2.99
N GLU A 51 11.12 10.51 2.08
CA GLU A 51 10.03 11.41 2.44
C GLU A 51 8.71 10.63 2.47
N LEU A 52 7.66 11.27 2.99
CA LEU A 52 6.34 10.64 3.03
C LEU A 52 5.80 10.38 1.63
N GLU A 53 6.14 11.23 0.67
CA GLU A 53 5.67 11.02 -0.70
C GLU A 53 6.11 9.66 -1.22
N ASP A 54 7.23 9.13 -0.70
CA ASP A 54 7.70 7.81 -1.10
C ASP A 54 6.75 6.70 -0.64
N ILE A 55 6.10 6.88 0.51
CA ILE A 55 5.20 5.85 1.02
C ILE A 55 3.91 5.81 0.22
N TRP A 56 3.37 6.99 -0.12
CA TRP A 56 2.13 7.02 -0.90
C TRP A 56 2.35 6.43 -2.30
N ARG A 57 3.50 6.72 -2.92
CA ARG A 57 3.78 6.12 -4.22
C ARG A 57 3.89 4.61 -4.10
N LEU A 58 4.51 4.11 -3.03
CA LEU A 58 4.56 2.68 -2.81
C LEU A 58 3.16 2.12 -2.58
N HIS A 59 2.31 2.87 -1.87
CA HIS A 59 0.94 2.44 -1.65
C HIS A 59 0.20 2.31 -2.97
N ASN A 60 0.30 3.32 -3.84
CA ASN A 60 -0.34 3.26 -5.14
C ASN A 60 0.12 2.04 -5.92
N PHE A 61 1.43 1.79 -5.94
CA PHE A 61 1.96 0.63 -6.65
C PHE A 61 1.34 -0.65 -6.11
N LEU A 62 1.35 -0.82 -4.79
CA LEU A 62 0.76 -2.02 -4.19
C LEU A 62 -0.73 -2.11 -4.46
N SER A 63 -1.41 -0.98 -4.64
CA SER A 63 -2.83 -1.02 -4.99
C SER A 63 -3.02 -1.58 -6.39
N ALA A 64 -2.37 -0.97 -7.38
CA ALA A 64 -2.51 -1.43 -8.76
C ALA A 64 -2.11 -2.89 -8.91
N LYS A 65 -1.03 -3.31 -8.25
CA LYS A 65 -0.54 -4.67 -8.42
C LYS A 65 -1.49 -5.68 -7.79
N ARG A 66 -2.00 -5.41 -6.59
CA ARG A 66 -2.97 -6.31 -5.98
C ARG A 66 -4.17 -6.50 -6.88
N HIS A 67 -4.64 -5.42 -7.52
CA HIS A 67 -5.77 -5.53 -8.43
C HIS A 67 -5.39 -6.32 -9.68
N GLU A 68 -4.22 -6.04 -10.25
CA GLU A 68 -3.79 -6.74 -11.46
C GLU A 68 -3.53 -8.22 -11.19
N ILE A 69 -2.86 -8.53 -10.06
CA ILE A 69 -2.50 -9.91 -9.76
C ILE A 69 -3.74 -10.74 -9.46
N ASP A 70 -4.68 -10.17 -8.69
CA ASP A 70 -5.87 -10.93 -8.33
C ASP A 70 -6.72 -11.28 -9.55
N GLY A 71 -6.71 -10.43 -10.57
CA GLY A 71 -7.52 -10.68 -11.75
C GLY A 71 -6.71 -11.29 -12.87
N LYS A 72 -5.38 -11.30 -12.71
CA LYS A 72 -4.53 -11.86 -13.75
C LYS A 72 -4.50 -13.37 -13.67
N TYR A 73 -4.40 -13.92 -12.46
CA TYR A 73 -4.29 -15.36 -12.27
C TYR A 73 -5.65 -15.95 -11.91
N ASP A 74 -6.52 -15.98 -12.91
CA ASP A 74 -7.84 -16.58 -12.81
C ASP A 74 -7.72 -17.98 -13.40
N TYR A 75 -7.49 -18.97 -12.53
CA TYR A 75 -7.35 -20.34 -12.99
C TYR A 75 -8.74 -20.89 -13.29
N ASN A 76 -9.20 -20.59 -14.50
CA ASN A 76 -10.52 -21.01 -14.96
C ASN A 76 -10.37 -21.46 -16.41
N TYR A 77 -10.45 -22.78 -16.63
CA TYR A 77 -10.16 -23.32 -17.96
C TYR A 77 -10.98 -22.65 -19.05
N SER A 78 -12.12 -22.06 -18.71
CA SER A 78 -12.96 -21.41 -19.70
C SER A 78 -12.36 -20.09 -20.19
N VAL A 79 -11.47 -19.47 -19.40
CA VAL A 79 -10.73 -18.29 -19.83
C VAL A 79 -9.23 -18.50 -19.79
N LEU A 80 -8.76 -19.69 -19.42
CA LEU A 80 -7.33 -19.91 -19.27
C LEU A 80 -6.57 -19.78 -20.58
N VAL A 81 -7.26 -19.78 -21.71
CA VAL A 81 -6.62 -19.51 -22.98
C VAL A 81 -6.21 -18.05 -23.08
N PHE A 82 -7.01 -17.16 -22.49
CA PHE A 82 -6.73 -15.74 -22.50
C PHE A 82 -5.69 -15.37 -21.46
N VAL A 83 -5.72 -16.03 -20.30
CA VAL A 83 -4.76 -15.74 -19.25
C VAL A 83 -3.34 -16.04 -19.73
N PHE A 84 -3.12 -17.25 -20.26
CA PHE A 84 -1.79 -17.61 -20.72
C PHE A 84 -1.31 -16.65 -21.81
N ALA A 85 -2.19 -16.30 -22.76
CA ALA A 85 -1.79 -15.41 -23.83
C ALA A 85 -1.28 -14.07 -23.29
N THR A 86 -1.93 -13.57 -22.23
CA THR A 86 -1.47 -12.36 -21.58
C THR A 86 -0.07 -12.53 -21.01
N LEU A 87 0.12 -13.52 -20.14
CA LEU A 87 1.42 -13.76 -19.53
C LEU A 87 2.55 -13.81 -20.56
N ILE A 88 2.28 -14.42 -21.72
CA ILE A 88 3.29 -14.46 -22.77
C ILE A 88 3.59 -13.06 -23.27
N LYS A 89 2.56 -12.23 -23.45
CA LYS A 89 2.77 -10.85 -23.87
C LYS A 89 3.50 -10.02 -22.81
N GLN A 90 3.62 -10.54 -21.59
CA GLN A 90 4.23 -9.81 -20.48
C GLN A 90 5.58 -10.39 -20.07
N GLY A 91 6.06 -11.42 -20.76
CA GLY A 91 7.38 -11.97 -20.49
C GLY A 91 7.43 -12.96 -19.34
N TRP A 92 6.37 -13.09 -18.54
CA TRP A 92 6.37 -14.08 -17.47
C TRP A 92 6.27 -15.50 -17.98
N LEU A 93 6.20 -15.68 -19.30
CA LEU A 93 5.99 -16.99 -19.90
C LEU A 93 6.28 -16.88 -21.39
N HIS A 94 6.79 -17.96 -21.97
CA HIS A 94 7.01 -18.05 -23.41
C HIS A 94 6.28 -19.29 -23.94
N LEU A 95 5.83 -19.20 -25.20
CA LEU A 95 5.13 -20.32 -25.82
C LEU A 95 5.90 -21.64 -25.68
N ASP A 96 7.23 -21.56 -25.60
CA ASP A 96 8.04 -22.77 -25.49
C ASP A 96 7.64 -23.61 -24.28
N GLU A 97 7.13 -22.96 -23.23
CA GLU A 97 6.80 -23.67 -21.99
C GLU A 97 5.43 -24.33 -22.02
N LEU A 98 4.54 -23.92 -22.93
CA LEU A 98 3.23 -24.55 -23.07
C LEU A 98 3.21 -25.73 -24.03
N LYS A 99 4.39 -26.24 -24.45
CA LYS A 99 4.43 -27.21 -25.54
C LYS A 99 3.72 -28.52 -25.23
N GLY A 100 3.26 -28.72 -23.99
CA GLY A 100 2.48 -29.91 -23.68
C GLY A 100 1.05 -29.88 -24.16
N LEU A 101 0.52 -28.70 -24.47
CA LEU A 101 -0.86 -28.55 -24.88
C LEU A 101 -1.06 -29.01 -26.32
N ASP A 102 -2.33 -29.21 -26.68
CA ASP A 102 -2.65 -29.55 -28.06
C ASP A 102 -2.14 -28.48 -29.01
N GLN A 103 -1.61 -28.94 -30.14
CA GLN A 103 -1.04 -28.03 -31.14
C GLN A 103 -2.04 -26.99 -31.58
N ASP A 104 -3.34 -27.23 -31.38
CA ASP A 104 -4.35 -26.28 -31.80
C ASP A 104 -4.54 -25.17 -30.78
N LYS A 105 -4.41 -25.47 -29.50
CA LYS A 105 -4.45 -24.43 -28.47
C LYS A 105 -3.28 -23.47 -28.63
N LEU A 106 -2.06 -24.01 -28.73
CA LEU A 106 -0.88 -23.16 -28.88
C LEU A 106 -1.07 -22.13 -29.98
N THR A 107 -1.63 -22.54 -31.12
CA THR A 107 -1.89 -21.59 -32.20
C THR A 107 -2.81 -20.48 -31.74
N LYS A 108 -3.90 -20.83 -31.03
CA LYS A 108 -4.81 -19.83 -30.50
C LYS A 108 -4.08 -18.93 -29.51
N ILE A 109 -3.53 -19.52 -28.45
CA ILE A 109 -2.84 -18.74 -27.42
C ILE A 109 -1.82 -17.80 -28.07
N GLY A 110 -1.04 -18.31 -29.00
CA GLY A 110 -0.08 -17.46 -29.70
C GLY A 110 -0.72 -16.27 -30.38
N SER A 111 -1.81 -16.51 -31.11
CA SER A 111 -2.48 -15.43 -31.82
C SER A 111 -2.99 -14.37 -30.86
N LEU A 112 -3.31 -14.74 -29.62
CA LEU A 112 -3.78 -13.75 -28.66
C LEU A 112 -2.62 -13.00 -28.03
N SER A 113 -1.42 -13.57 -28.04
CA SER A 113 -0.23 -12.82 -27.65
C SER A 113 -0.03 -11.64 -28.60
N ARG A 114 -0.46 -11.80 -29.85
CA ARG A 114 -0.30 -10.78 -30.87
C ARG A 114 -1.46 -9.79 -30.88
N MET A 115 -2.12 -9.60 -29.74
CA MET A 115 -3.24 -8.67 -29.65
C MET A 115 -3.18 -7.85 -28.37
N VAL B 13 -13.39 29.70 18.28
CA VAL B 13 -13.48 31.04 17.73
C VAL B 13 -12.42 31.92 18.39
N SER B 14 -11.84 32.83 17.58
CA SER B 14 -10.87 33.84 18.03
C SER B 14 -9.50 33.25 18.35
N TRP B 15 -8.55 33.42 17.42
CA TRP B 15 -7.20 32.92 17.58
C TRP B 15 -6.22 34.07 17.36
N SER B 16 -5.31 34.26 18.33
CA SER B 16 -4.36 35.36 18.28
C SER B 16 -3.42 35.20 17.10
N ASP B 17 -2.52 36.17 16.93
CA ASP B 17 -1.52 36.09 15.88
C ASP B 17 -0.43 35.10 16.25
N LEU B 18 -0.08 35.05 17.52
CA LEU B 18 0.93 34.11 18.00
C LEU B 18 0.31 32.78 18.38
N GLU B 19 -0.97 32.76 18.76
CA GLU B 19 -1.68 31.49 18.87
C GLU B 19 -1.65 30.74 17.55
N GLN B 20 -1.79 31.46 16.43
CA GLN B 20 -1.68 30.85 15.12
C GLN B 20 -0.26 30.35 14.86
N GLU B 21 0.74 31.07 15.38
CA GLU B 21 2.12 30.64 15.18
C GLU B 21 2.44 29.41 16.01
N VAL B 22 2.03 29.39 17.28
CA VAL B 22 2.25 28.22 18.12
C VAL B 22 1.38 27.04 17.68
N ALA B 23 0.29 27.29 16.96
CA ALA B 23 -0.54 26.21 16.45
C ALA B 23 0.15 25.49 15.29
N GLN B 24 0.58 26.25 14.28
CA GLN B 24 1.34 25.66 13.19
C GLN B 24 2.53 24.86 13.73
N ALA B 25 3.20 25.41 14.74
CA ALA B 25 4.35 24.72 15.32
C ALA B 25 3.97 23.35 15.86
N ALA B 26 3.04 23.30 16.82
CA ALA B 26 2.64 22.03 17.42
C ALA B 26 2.09 21.08 16.37
N PHE B 27 1.43 21.61 15.35
CA PHE B 27 0.93 20.78 14.26
C PHE B 27 2.09 20.07 13.57
N GLN B 28 3.03 20.85 13.02
CA GLN B 28 4.13 20.27 12.26
C GLN B 28 5.00 19.36 13.12
N LYS B 29 5.07 19.65 14.42
CA LYS B 29 5.86 18.79 15.30
C LYS B 29 5.26 17.40 15.41
N ALA B 30 4.02 17.32 15.89
CA ALA B 30 3.32 16.04 15.97
C ALA B 30 3.24 15.37 14.59
N TYR B 31 3.08 16.17 13.54
CA TYR B 31 3.05 15.62 12.19
C TYR B 31 4.35 14.91 11.85
N GLU B 32 5.47 15.63 11.98
CA GLU B 32 6.77 15.03 11.67
C GLU B 32 7.03 13.79 12.53
N ARG B 33 6.70 13.87 13.82
CA ARG B 33 6.88 12.72 14.70
C ARG B 33 6.18 11.48 14.15
N GLU B 34 4.94 11.63 13.68
CA GLU B 34 4.18 10.47 13.22
C GLU B 34 4.67 9.98 11.86
N ILE B 35 5.06 10.90 10.99
CA ILE B 35 5.57 10.50 9.68
C ILE B 35 6.85 9.68 9.85
N ASN B 36 7.82 10.21 10.61
CA ASN B 36 9.05 9.48 10.85
C ASN B 36 8.76 8.09 11.40
N ALA B 37 7.91 7.99 12.42
CA ALA B 37 7.56 6.69 12.97
C ALA B 37 7.01 5.77 11.87
N LEU B 38 6.19 6.33 10.98
CA LEU B 38 5.71 5.55 9.85
C LEU B 38 6.86 5.15 8.94
N ILE B 39 7.77 6.11 8.68
CA ILE B 39 8.93 5.84 7.83
C ILE B 39 9.75 4.68 8.38
N GLN B 40 9.89 4.59 9.70
CA GLN B 40 10.62 3.46 10.28
C GLN B 40 9.83 2.17 10.11
N ASP B 41 8.51 2.20 10.33
CA ASP B 41 7.71 1.00 10.21
C ASP B 41 7.82 0.38 8.82
N VAL B 42 7.64 1.18 7.78
CA VAL B 42 7.70 0.64 6.42
C VAL B 42 9.07 0.06 6.14
N ARG B 43 10.13 0.62 6.75
CA ARG B 43 11.46 0.02 6.62
C ARG B 43 11.55 -1.29 7.39
N ASP B 44 11.22 -1.25 8.68
CA ASP B 44 11.31 -2.43 9.54
C ASP B 44 10.43 -3.58 9.05
N ASN B 45 9.56 -3.34 8.08
CA ASN B 45 8.74 -4.41 7.51
C ASN B 45 9.40 -5.06 6.29
N ALA B 46 10.21 -4.30 5.54
CA ALA B 46 10.88 -4.86 4.38
C ALA B 46 11.72 -6.09 4.73
N VAL B 47 12.06 -6.28 6.00
CA VAL B 47 12.86 -7.42 6.41
C VAL B 47 12.02 -8.69 6.51
N GLN B 48 10.90 -8.62 7.21
CA GLN B 48 10.07 -9.80 7.45
C GLN B 48 9.15 -10.15 6.28
N ILE B 49 9.33 -9.53 5.12
CA ILE B 49 8.53 -9.87 3.95
C ILE B 49 9.11 -11.14 3.34
N SER B 50 8.39 -12.25 3.50
CA SER B 50 8.77 -13.53 2.92
C SER B 50 7.73 -14.04 1.93
N GLU B 51 6.48 -14.16 2.34
CA GLU B 51 5.40 -14.56 1.46
C GLU B 51 4.75 -13.34 0.81
N LEU B 52 3.93 -13.59 -0.22
CA LEU B 52 3.16 -12.51 -0.84
C LEU B 52 2.14 -11.95 0.12
N GLU B 53 1.61 -12.78 1.02
CA GLU B 53 0.63 -12.32 1.99
C GLU B 53 1.21 -11.20 2.86
N ASP B 54 2.52 -11.19 3.07
CA ASP B 54 3.16 -10.10 3.81
C ASP B 54 3.06 -8.78 3.06
N ILE B 55 3.06 -8.82 1.74
CA ILE B 55 2.93 -7.60 0.95
C ILE B 55 1.50 -7.07 1.03
N TRP B 56 0.51 -7.96 1.01
CA TRP B 56 -0.87 -7.52 1.16
C TRP B 56 -1.09 -6.89 2.52
N ARG B 57 -0.49 -7.47 3.56
CA ARG B 57 -0.58 -6.88 4.89
C ARG B 57 0.08 -5.51 4.94
N LEU B 58 1.13 -5.31 4.13
CA LEU B 58 1.73 -3.97 4.03
C LEU B 58 0.81 -3.03 3.25
N HIS B 59 0.17 -3.53 2.19
CA HIS B 59 -0.77 -2.70 1.45
C HIS B 59 -1.93 -2.27 2.32
N ASN B 60 -2.52 -3.22 3.06
CA ASN B 60 -3.61 -2.88 3.96
C ASN B 60 -3.16 -1.81 4.95
N PHE B 61 -1.97 -2.00 5.54
CA PHE B 61 -1.44 -1.03 6.49
C PHE B 61 -1.31 0.36 5.85
N LEU B 62 -0.70 0.43 4.68
CA LEU B 62 -0.54 1.72 4.02
C LEU B 62 -1.88 2.33 3.68
N SER B 63 -2.90 1.51 3.47
CA SER B 63 -4.24 2.04 3.22
C SER B 63 -4.80 2.68 4.48
N ALA B 64 -4.84 1.94 5.58
CA ALA B 64 -5.39 2.47 6.83
C ALA B 64 -4.64 3.72 7.28
N LYS B 65 -3.32 3.71 7.16
CA LYS B 65 -2.55 4.86 7.62
C LYS B 65 -2.75 6.07 6.73
N ARG B 66 -2.74 5.88 5.41
CA ARG B 66 -2.96 7.00 4.50
C ARG B 66 -4.31 7.66 4.76
N HIS B 67 -5.34 6.85 5.02
CA HIS B 67 -6.66 7.41 5.28
C HIS B 67 -6.67 8.21 6.58
N GLU B 68 -6.04 7.68 7.62
CA GLU B 68 -5.99 8.40 8.89
C GLU B 68 -5.16 9.67 8.78
N ILE B 69 -4.00 9.60 8.12
CA ILE B 69 -3.11 10.75 8.07
C ILE B 69 -3.73 11.86 7.21
N ASP B 70 -4.32 11.51 6.07
CA ASP B 70 -4.89 12.53 5.20
C ASP B 70 -6.03 13.27 5.87
N GLY B 71 -6.81 12.59 6.72
CA GLY B 71 -7.95 13.23 7.36
C GLY B 71 -7.73 13.66 8.79
N LYS B 72 -6.64 13.23 9.42
CA LYS B 72 -6.41 13.63 10.80
C LYS B 72 -5.71 14.99 10.89
N TYR B 73 -4.79 15.28 9.97
CA TYR B 73 -4.06 16.54 9.99
C TYR B 73 -4.82 17.57 9.13
N ASP B 74 -5.97 17.95 9.66
CA ASP B 74 -6.85 18.95 9.05
C ASP B 74 -6.56 20.28 9.73
N TYR B 75 -5.69 21.10 9.13
CA TYR B 75 -5.37 22.40 9.73
C TYR B 75 -6.53 23.34 9.42
N ASN B 76 -7.53 23.28 10.29
CA ASN B 76 -8.75 24.07 10.18
C ASN B 76 -9.10 24.57 11.58
N TYR B 77 -8.87 25.86 11.84
CA TYR B 77 -9.02 26.39 13.19
C TYR B 77 -10.39 26.09 13.79
N SER B 78 -11.41 25.86 12.97
CA SER B 78 -12.74 25.57 13.49
C SER B 78 -12.85 24.15 14.06
N VAL B 79 -11.96 23.25 13.67
CA VAL B 79 -11.88 21.91 14.27
C VAL B 79 -10.51 21.62 14.87
N LEU B 80 -9.60 22.59 14.85
CA LEU B 80 -8.24 22.36 15.32
C LEU B 80 -8.17 22.09 16.82
N VAL B 81 -9.24 22.39 17.56
CA VAL B 81 -9.29 22.02 18.97
C VAL B 81 -9.45 20.50 19.10
N PHE B 82 -10.21 19.90 18.18
CA PHE B 82 -10.41 18.45 18.21
C PHE B 82 -9.20 17.71 17.65
N VAL B 83 -8.53 18.28 16.65
CA VAL B 83 -7.34 17.66 16.09
C VAL B 83 -6.26 17.56 17.16
N PHE B 84 -5.96 18.67 17.83
CA PHE B 84 -4.95 18.66 18.88
C PHE B 84 -5.30 17.67 19.98
N ALA B 85 -6.57 17.63 20.36
CA ALA B 85 -7.00 16.71 21.42
C ALA B 85 -6.71 15.26 21.06
N THR B 86 -6.90 14.91 19.78
CA THR B 86 -6.57 13.57 19.34
C THR B 86 -5.08 13.29 19.51
N LEU B 87 -4.24 14.11 18.89
CA LEU B 87 -2.80 13.91 18.97
C LEU B 87 -2.34 13.71 20.41
N ILE B 88 -2.92 14.48 21.35
CA ILE B 88 -2.58 14.31 22.75
C ILE B 88 -2.96 12.90 23.20
N LYS B 89 -4.16 12.45 22.83
CA LYS B 89 -4.65 11.12 23.17
C LYS B 89 -3.86 10.01 22.54
N GLN B 90 -3.02 10.32 21.55
CA GLN B 90 -2.23 9.32 20.84
C GLN B 90 -0.74 9.45 21.09
N GLY B 91 -0.31 10.38 21.96
CA GLY B 91 1.09 10.51 22.31
C GLY B 91 1.92 11.31 21.34
N TRP B 92 1.40 11.65 20.17
CA TRP B 92 2.13 12.46 19.20
C TRP B 92 2.27 13.92 19.65
N LEU B 93 1.72 14.28 20.79
CA LEU B 93 1.72 15.67 21.25
C LEU B 93 1.30 15.67 22.72
N HIS B 94 1.86 16.60 23.49
CA HIS B 94 1.47 16.79 24.87
C HIS B 94 1.04 18.24 25.09
N LEU B 95 0.11 18.44 26.03
CA LEU B 95 -0.36 19.78 26.34
C LEU B 95 0.80 20.73 26.59
N ASP B 96 1.91 20.20 27.10
CA ASP B 96 3.09 21.03 27.37
C ASP B 96 3.55 21.75 26.11
N GLU B 97 3.34 21.13 24.94
CA GLU B 97 3.82 21.68 23.69
C GLU B 97 2.87 22.70 23.09
N LEU B 98 1.61 22.72 23.52
CA LEU B 98 0.66 23.76 23.14
C LEU B 98 0.77 24.97 24.03
N LYS B 99 1.83 25.06 24.84
CA LYS B 99 2.07 26.22 25.68
C LYS B 99 2.10 27.48 24.84
N GLY B 100 1.20 28.40 25.14
CA GLY B 100 1.10 29.66 24.42
C GLY B 100 -0.33 30.01 24.05
N LEU B 101 -1.19 28.99 24.02
CA LEU B 101 -2.58 29.22 23.69
C LEU B 101 -3.33 29.79 24.90
N ASP B 102 -4.51 30.33 24.64
CA ASP B 102 -5.36 30.80 25.72
C ASP B 102 -5.63 29.64 26.68
N GLN B 103 -6.23 29.95 27.83
CA GLN B 103 -6.37 28.92 28.85
C GLN B 103 -7.57 28.03 28.61
N ASP B 104 -8.71 28.62 28.26
CA ASP B 104 -9.89 27.79 27.96
C ASP B 104 -9.57 26.74 26.89
N LYS B 105 -8.68 27.07 25.94
CA LYS B 105 -8.26 26.10 24.95
C LYS B 105 -7.50 24.95 25.58
N LEU B 106 -6.40 25.26 26.28
CA LEU B 106 -5.61 24.24 26.95
C LEU B 106 -6.48 23.38 27.87
N THR B 107 -7.33 24.04 28.67
CA THR B 107 -8.25 23.32 29.53
C THR B 107 -9.23 22.49 28.71
N LYS B 108 -9.78 23.07 27.65
CA LYS B 108 -10.71 22.35 26.79
C LYS B 108 -10.04 21.16 26.12
N ILE B 109 -8.95 21.41 25.38
CA ILE B 109 -8.24 20.35 24.68
C ILE B 109 -7.93 19.20 25.65
N GLY B 110 -7.44 19.53 26.84
CA GLY B 110 -7.15 18.49 27.82
C GLY B 110 -8.37 17.62 28.11
N SER B 111 -9.51 18.25 28.38
CA SER B 111 -10.73 17.50 28.68
C SER B 111 -11.14 16.62 27.51
N LEU B 112 -10.74 16.99 26.29
CA LEU B 112 -11.10 16.21 25.11
C LEU B 112 -10.15 15.05 24.84
N SER B 113 -8.92 15.07 25.39
CA SER B 113 -8.04 13.92 25.21
C SER B 113 -8.61 12.68 25.88
N ARG B 114 -9.20 12.85 27.05
CA ARG B 114 -9.76 11.75 27.84
C ARG B 114 -11.26 11.56 27.60
N MET B 115 -11.70 11.74 26.36
CA MET B 115 -13.12 11.61 26.03
C MET B 115 -13.33 10.69 24.82
#